data_4YXR
#
_entry.id   4YXR
#
_cell.length_a   72.841
_cell.length_b   75.057
_cell.length_c   79.925
_cell.angle_alpha   90.00
_cell.angle_beta   90.00
_cell.angle_gamma   90.00
#
_symmetry.space_group_name_H-M   'P 21 21 21'
#
loop_
_entity.id
_entity.type
_entity.pdbx_description
1 polymer 'cAMP-dependent protein kinase catalytic subunit alpha'
2 polymer 'cAMP-dependent protein kinase inhibitor alpha'
3 non-polymer 3-methyl-2H-indazole
4 water water
#
loop_
_entity_poly.entity_id
_entity_poly.type
_entity_poly.pdbx_seq_one_letter_code
_entity_poly.pdbx_strand_id
1 'polypeptide(L)'
;GNAAAAKKGSEQESVKEFLAKAKEDFLKKWENPAQNTAHLDQFERIKTLGTGSFGRVMLVKHMETGNHYAMKILDKQKVV
KLKQIEHTLNEKRILQAVNFPFLVKLEFSFKDNSNLYMVMEYVPGGEMFSHLRRIGRFSEPHARFYAAQIVLTFEYLHSL
DLIYRDLKPENLLIDQQGYIQVTDFGFAKRVKGRTW(TPO)LCGTPEYLAPEIILSKGYNKAVDWWALGVLIYEMAAGYP
PFFADQPIQIYEKIVSGKVRFPSHFSSDLKDLLRNLLQVDLTKRFGNLKDGVNDIKNHKWFATTDWIAIYQRKVEAPFIP
KFKGPGDTSNFDDYEEEEIRV(SEP)INEKCGKEFSEF
;
A
2 'polypeptide(L)' TTYADFIASGRTGRRNAIHD I
#
loop_
_chem_comp.id
_chem_comp.type
_chem_comp.name
_chem_comp.formula
0RW non-polymer 3-methyl-2H-indazole 'C8 H8 N2'
#
# COMPACT_ATOMS: atom_id res chain seq x y z
N VAL A 15 14.06 19.78 2.08
CA VAL A 15 13.65 18.43 1.58
C VAL A 15 14.86 17.58 1.18
N LYS A 16 15.66 18.09 0.24
CA LYS A 16 16.85 17.39 -0.26
C LYS A 16 17.78 16.94 0.87
N GLU A 17 17.95 17.79 1.87
CA GLU A 17 18.82 17.48 3.00
C GLU A 17 18.19 16.42 3.90
N PHE A 18 16.88 16.50 4.10
CA PHE A 18 16.17 15.52 4.91
C PHE A 18 16.28 14.13 4.29
N LEU A 19 16.05 14.06 2.98
CA LEU A 19 16.11 12.79 2.25
C LEU A 19 17.49 12.17 2.24
N ALA A 20 18.54 13.01 2.20
CA ALA A 20 19.92 12.53 2.20
C ALA A 20 20.22 11.77 3.50
N LYS A 21 19.78 12.33 4.63
CA LYS A 21 20.00 11.69 5.92
C LYS A 21 19.11 10.45 6.06
N ALA A 22 17.92 10.51 5.48
CA ALA A 22 16.97 9.40 5.52
C ALA A 22 17.59 8.22 4.79
N LYS A 23 18.26 8.51 3.69
CA LYS A 23 18.91 7.50 2.87
C LYS A 23 20.08 6.84 3.60
N GLU A 24 20.79 7.62 4.43
CA GLU A 24 21.92 7.09 5.20
C GLU A 24 21.41 6.07 6.21
N ASP A 25 20.31 6.42 6.86
CA ASP A 25 19.68 5.56 7.85
C ASP A 25 19.20 4.28 7.18
N PHE A 26 18.51 4.44 6.06
CA PHE A 26 17.96 3.32 5.30
C PHE A 26 19.05 2.35 4.85
N LEU A 27 20.10 2.90 4.25
CA LEU A 27 21.20 2.11 3.73
C LEU A 27 21.87 1.22 4.76
N LYS A 28 22.03 1.73 5.98
CA LYS A 28 22.66 0.96 7.05
C LYS A 28 21.82 -0.27 7.37
N LYS A 29 20.51 -0.12 7.38
CA LYS A 29 19.61 -1.23 7.66
C LYS A 29 19.45 -2.14 6.45
N TRP A 30 19.46 -1.56 5.26
CA TRP A 30 19.34 -2.30 4.01
C TRP A 30 20.50 -3.28 3.86
N GLU A 31 21.71 -2.82 4.18
CA GLU A 31 22.90 -3.66 4.07
C GLU A 31 23.12 -4.63 5.23
N ASN A 32 22.48 -4.36 6.37
CA ASN A 32 22.61 -5.26 7.54
C ASN A 32 21.24 -5.38 8.19
N PRO A 33 20.32 -6.09 7.53
CA PRO A 33 18.96 -6.29 8.04
C PRO A 33 18.79 -7.06 9.34
N ALA A 34 17.82 -6.64 10.14
CA ALA A 34 17.52 -7.31 11.40
C ALA A 34 16.86 -8.64 11.07
N GLN A 35 17.15 -9.66 11.86
CA GLN A 35 16.60 -11.00 11.67
C GLN A 35 16.30 -11.64 13.02
N ASN A 36 15.35 -12.57 13.01
CA ASN A 36 14.98 -13.35 14.19
C ASN A 36 14.91 -12.52 15.47
N THR A 37 14.02 -11.53 15.49
CA THR A 37 13.90 -10.66 16.65
C THR A 37 12.79 -11.02 17.64
N ALA A 38 12.13 -12.15 17.40
CA ALA A 38 11.07 -12.60 18.30
C ALA A 38 10.74 -14.06 18.01
N HIS A 39 9.74 -14.59 18.70
CA HIS A 39 9.30 -15.96 18.52
C HIS A 39 7.79 -16.02 18.63
N LEU A 40 7.19 -16.95 17.90
CA LEU A 40 5.74 -17.12 17.88
C LEU A 40 5.09 -17.18 19.26
N ASP A 41 5.71 -17.94 20.17
CA ASP A 41 5.19 -18.14 21.52
C ASP A 41 5.14 -16.90 22.39
N GLN A 42 5.72 -15.80 21.91
CA GLN A 42 5.74 -14.55 22.66
C GLN A 42 4.49 -13.72 22.38
N PHE A 43 3.63 -14.22 21.49
CA PHE A 43 2.42 -13.50 21.12
C PHE A 43 1.16 -14.31 21.32
N GLU A 44 0.10 -13.61 21.70
CA GLU A 44 -1.20 -14.23 21.89
C GLU A 44 -2.01 -13.87 20.66
N ARG A 45 -2.43 -14.88 19.90
CA ARG A 45 -3.23 -14.66 18.69
C ARG A 45 -4.67 -14.33 19.08
N ILE A 46 -5.16 -13.20 18.58
CA ILE A 46 -6.51 -12.76 18.91
C ILE A 46 -7.56 -12.85 17.80
N LYS A 47 -7.28 -12.28 16.63
CA LYS A 47 -8.27 -12.28 15.54
C LYS A 47 -7.64 -12.03 14.17
N THR A 48 -8.26 -12.58 13.12
CA THR A 48 -7.77 -12.36 11.76
C THR A 48 -8.34 -11.05 11.24
N LEU A 49 -7.44 -10.16 10.80
CA LEU A 49 -7.81 -8.84 10.29
C LEU A 49 -7.75 -8.75 8.77
N GLY A 50 -7.25 -9.80 8.13
CA GLY A 50 -7.14 -9.82 6.68
C GLY A 50 -6.50 -11.11 6.21
N THR A 51 -6.78 -11.47 4.97
CA THR A 51 -6.23 -12.68 4.38
C THR A 51 -5.59 -12.41 3.02
N GLY A 52 -4.87 -13.41 2.52
CA GLY A 52 -4.19 -13.30 1.25
C GLY A 52 -3.93 -14.68 0.67
N SER A 53 -3.36 -14.71 -0.53
CA SER A 53 -3.07 -15.96 -1.22
C SER A 53 -2.11 -16.89 -0.48
N PHE A 54 -1.10 -16.33 0.17
CA PHE A 54 -0.17 -17.17 0.90
C PHE A 54 -0.09 -16.94 2.40
N GLY A 55 -1.15 -16.36 2.96
CA GLY A 55 -1.17 -16.12 4.39
C GLY A 55 -2.30 -15.24 4.91
N ARG A 56 -2.10 -14.71 6.10
CA ARG A 56 -3.08 -13.84 6.74
C ARG A 56 -2.40 -12.85 7.68
N VAL A 57 -3.18 -11.89 8.16
CA VAL A 57 -2.69 -10.90 9.12
C VAL A 57 -3.61 -11.05 10.33
N MET A 58 -3.02 -11.19 11.51
CA MET A 58 -3.78 -11.36 12.75
C MET A 58 -3.46 -10.31 13.81
N LEU A 59 -4.46 -9.98 14.61
CA LEU A 59 -4.27 -9.06 15.73
C LEU A 59 -3.68 -9.99 16.79
N VAL A 60 -2.53 -9.60 17.33
CA VAL A 60 -1.88 -10.38 18.38
C VAL A 60 -1.51 -9.47 19.55
N LYS A 61 -1.22 -10.08 20.69
CA LYS A 61 -0.85 -9.33 21.88
C LYS A 61 0.52 -9.84 22.31
N HIS A 62 1.47 -8.91 22.43
CA HIS A 62 2.81 -9.26 22.86
C HIS A 62 2.74 -9.40 24.38
N MET A 63 2.87 -10.63 24.88
CA MET A 63 2.79 -10.90 26.32
C MET A 63 3.67 -10.04 27.22
N GLU A 64 4.95 -9.98 26.90
CA GLU A 64 5.92 -9.24 27.69
C GLU A 64 5.59 -7.75 27.88
N THR A 65 5.01 -7.12 26.87
CA THR A 65 4.68 -5.70 26.94
C THR A 65 3.19 -5.36 27.03
N GLY A 66 2.34 -6.31 26.65
CA GLY A 66 0.91 -6.05 26.66
C GLY A 66 0.51 -5.25 25.44
N ASN A 67 1.47 -5.01 24.55
CA ASN A 67 1.22 -4.25 23.33
C ASN A 67 0.52 -5.10 22.29
N HIS A 68 -0.35 -4.47 21.51
CA HIS A 68 -1.07 -5.15 20.44
C HIS A 68 -0.32 -4.88 19.15
N TYR A 69 -0.29 -5.88 18.26
CA TYR A 69 0.39 -5.75 16.97
C TYR A 69 -0.40 -6.51 15.92
N ALA A 70 -0.04 -6.27 14.66
CA ALA A 70 -0.64 -6.95 13.53
C ALA A 70 0.45 -7.89 13.06
N MET A 71 0.18 -9.19 13.12
CA MET A 71 1.16 -10.18 12.70
C MET A 71 0.80 -10.80 11.36
N LYS A 72 1.67 -10.60 10.37
CA LYS A 72 1.47 -11.16 9.04
C LYS A 72 2.14 -12.52 8.99
N ILE A 73 1.34 -13.53 8.70
CA ILE A 73 1.86 -14.90 8.62
C ILE A 73 1.86 -15.36 7.17
N LEU A 74 3.01 -15.77 6.69
CA LEU A 74 3.17 -16.24 5.32
C LEU A 74 3.60 -17.69 5.31
N ASP A 75 2.84 -18.52 4.61
CA ASP A 75 3.13 -19.95 4.48
C ASP A 75 4.25 -20.07 3.45
N LYS A 76 5.44 -20.49 3.90
CA LYS A 76 6.59 -20.64 3.02
C LYS A 76 6.30 -21.49 1.78
N GLN A 77 5.60 -22.61 1.97
CA GLN A 77 5.26 -23.50 0.85
C GLN A 77 4.36 -22.80 -0.16
N LYS A 78 3.42 -22.00 0.32
CA LYS A 78 2.53 -21.27 -0.59
C LYS A 78 3.29 -20.17 -1.33
N VAL A 79 4.23 -19.51 -0.65
CA VAL A 79 5.04 -18.46 -1.25
C VAL A 79 5.83 -19.04 -2.43
N VAL A 80 6.43 -20.21 -2.20
CA VAL A 80 7.22 -20.90 -3.22
C VAL A 80 6.36 -21.31 -4.42
N LYS A 81 5.18 -21.88 -4.16
CA LYS A 81 4.27 -22.30 -5.23
C LYS A 81 3.84 -21.14 -6.10
N LEU A 82 3.68 -19.97 -5.48
CA LEU A 82 3.26 -18.77 -6.21
C LEU A 82 4.44 -17.98 -6.77
N LYS A 83 5.64 -18.55 -6.58
CA LYS A 83 6.88 -17.95 -7.05
C LYS A 83 7.09 -16.54 -6.52
N GLN A 84 6.79 -16.33 -5.25
CA GLN A 84 6.93 -15.02 -4.63
C GLN A 84 8.06 -14.96 -3.58
N ILE A 85 9.05 -15.85 -3.72
CA ILE A 85 10.18 -15.89 -2.80
C ILE A 85 10.94 -14.57 -2.76
N GLU A 86 11.44 -14.14 -3.92
CA GLU A 86 12.20 -12.90 -4.01
C GLU A 86 11.37 -11.70 -3.56
N HIS A 87 10.10 -11.66 -3.96
CA HIS A 87 9.21 -10.57 -3.56
C HIS A 87 9.02 -10.51 -2.04
N THR A 88 8.94 -11.69 -1.41
CA THR A 88 8.78 -11.79 0.04
C THR A 88 10.05 -11.35 0.76
N LEU A 89 11.20 -11.69 0.20
CA LEU A 89 12.49 -11.29 0.78
C LEU A 89 12.61 -9.77 0.62
N ASN A 90 12.18 -9.25 -0.53
CA ASN A 90 12.19 -7.80 -0.79
C ASN A 90 11.37 -7.12 0.32
N GLU A 91 10.14 -7.59 0.49
CA GLU A 91 9.20 -7.04 1.47
C GLU A 91 9.78 -6.85 2.88
N LYS A 92 10.36 -7.91 3.43
CA LYS A 92 10.91 -7.83 4.78
C LYS A 92 12.18 -6.99 4.85
N ARG A 93 13.05 -7.14 3.86
CA ARG A 93 14.31 -6.40 3.84
C ARG A 93 14.06 -4.89 3.75
N ILE A 94 13.09 -4.51 2.93
CA ILE A 94 12.73 -3.10 2.76
C ILE A 94 12.00 -2.55 3.99
N LEU A 95 10.97 -3.25 4.45
CA LEU A 95 10.19 -2.80 5.59
C LEU A 95 10.99 -2.59 6.87
N GLN A 96 11.94 -3.47 7.15
CA GLN A 96 12.77 -3.32 8.35
C GLN A 96 13.76 -2.15 8.22
N ALA A 97 13.95 -1.66 7.00
CA ALA A 97 14.89 -0.58 6.76
C ALA A 97 14.31 0.83 6.59
N VAL A 98 13.02 0.92 6.31
CA VAL A 98 12.39 2.23 6.11
C VAL A 98 11.89 2.89 7.40
N ASN A 99 11.67 4.20 7.33
CA ASN A 99 11.23 4.97 8.48
C ASN A 99 10.57 6.27 8.00
N PHE A 100 9.25 6.28 8.03
CA PHE A 100 8.47 7.44 7.59
C PHE A 100 7.16 7.40 8.37
N PRO A 101 6.62 8.56 8.76
CA PRO A 101 5.37 8.63 9.53
C PRO A 101 4.15 7.95 8.91
N PHE A 102 4.18 7.70 7.61
CA PHE A 102 3.04 7.09 6.93
C PHE A 102 3.30 5.64 6.47
N LEU A 103 4.38 5.06 6.95
CA LEU A 103 4.73 3.68 6.63
C LEU A 103 4.60 2.88 7.91
N VAL A 104 3.83 1.79 7.89
CA VAL A 104 3.65 0.97 9.08
C VAL A 104 5.00 0.44 9.56
N LYS A 105 5.22 0.45 10.88
CA LYS A 105 6.49 0.00 11.44
C LYS A 105 6.56 -1.51 11.65
N LEU A 106 7.68 -2.10 11.23
CA LEU A 106 7.89 -3.52 11.42
C LEU A 106 8.62 -3.59 12.76
N GLU A 107 7.96 -4.17 13.75
CA GLU A 107 8.53 -4.28 15.09
C GLU A 107 9.42 -5.52 15.25
N PHE A 108 8.96 -6.65 14.72
CA PHE A 108 9.70 -7.91 14.82
C PHE A 108 9.47 -8.76 13.57
N SER A 109 10.36 -9.71 13.35
CA SER A 109 10.23 -10.63 12.24
C SER A 109 11.00 -11.90 12.60
N PHE A 110 10.41 -13.03 12.27
CA PHE A 110 11.01 -14.33 12.55
C PHE A 110 10.38 -15.37 11.64
N LYS A 111 10.85 -16.60 11.74
CA LYS A 111 10.32 -17.68 10.92
C LYS A 111 10.47 -18.99 11.67
N ASP A 112 9.64 -19.97 11.34
CA ASP A 112 9.74 -21.28 11.96
C ASP A 112 9.76 -22.32 10.84
N ASN A 113 9.47 -23.57 11.18
CA ASN A 113 9.48 -24.64 10.19
C ASN A 113 8.52 -24.41 9.02
N SER A 114 7.37 -23.81 9.30
CA SER A 114 6.36 -23.61 8.26
C SER A 114 6.12 -22.22 7.70
N ASN A 115 6.24 -21.22 8.55
CA ASN A 115 5.92 -19.86 8.13
C ASN A 115 6.96 -18.79 8.35
N LEU A 116 6.64 -17.62 7.80
CA LEU A 116 7.45 -16.41 7.94
C LEU A 116 6.51 -15.50 8.71
N TYR A 117 7.07 -14.69 9.61
CA TYR A 117 6.25 -13.80 10.42
C TYR A 117 6.79 -12.38 10.43
N MET A 118 5.89 -11.42 10.24
CA MET A 118 6.24 -10.01 10.27
C MET A 118 5.25 -9.36 11.20
N VAL A 119 5.75 -8.90 12.34
CA VAL A 119 4.94 -8.26 13.37
C VAL A 119 5.09 -6.76 13.25
N MET A 120 3.99 -6.10 12.93
CA MET A 120 3.96 -4.66 12.72
C MET A 120 3.03 -3.95 13.68
N GLU A 121 3.17 -2.63 13.75
CA GLU A 121 2.33 -1.79 14.59
C GLU A 121 0.88 -1.95 14.15
N TYR A 122 -0.01 -2.16 15.11
CA TYR A 122 -1.43 -2.32 14.85
C TYR A 122 -2.10 -0.97 14.56
N VAL A 123 -2.79 -0.89 13.42
CA VAL A 123 -3.48 0.34 13.01
C VAL A 123 -4.98 0.01 13.13
N PRO A 124 -5.60 0.37 14.26
CA PRO A 124 -7.00 0.19 14.68
C PRO A 124 -8.13 0.76 13.83
N GLY A 125 -7.89 1.87 13.16
CA GLY A 125 -8.92 2.51 12.34
C GLY A 125 -9.49 1.77 11.15
N GLY A 126 -8.85 0.70 10.71
CA GLY A 126 -9.34 -0.05 9.57
C GLY A 126 -8.84 0.45 8.23
N GLU A 127 -9.12 -0.32 7.17
CA GLU A 127 -8.69 0.06 5.82
C GLU A 127 -9.48 1.23 5.25
N MET A 128 -8.80 2.06 4.46
CA MET A 128 -9.45 3.18 3.80
C MET A 128 -10.58 2.61 2.95
N PHE A 129 -10.30 1.44 2.35
CA PHE A 129 -11.25 0.72 1.50
C PHE A 129 -12.61 0.59 2.17
N SER A 130 -12.63 0.13 3.42
CA SER A 130 -13.86 -0.05 4.17
C SER A 130 -14.65 1.24 4.31
N HIS A 131 -13.95 2.30 4.70
CA HIS A 131 -14.57 3.60 4.90
C HIS A 131 -15.04 4.23 3.58
N LEU A 132 -14.23 4.09 2.53
CA LEU A 132 -14.58 4.63 1.22
C LEU A 132 -15.84 3.97 0.66
N ARG A 133 -15.88 2.64 0.72
CA ARG A 133 -17.03 1.87 0.23
C ARG A 133 -18.31 2.19 1.01
N ARG A 134 -18.19 2.25 2.33
CA ARG A 134 -19.33 2.55 3.20
C ARG A 134 -19.85 3.96 2.97
N ILE A 135 -18.96 4.95 3.08
CA ILE A 135 -19.34 6.35 2.90
C ILE A 135 -19.70 6.68 1.45
N GLY A 136 -19.16 5.92 0.51
CA GLY A 136 -19.43 6.16 -0.90
C GLY A 136 -18.26 6.83 -1.58
N ARG A 137 -17.99 8.08 -1.22
CA ARG A 137 -16.87 8.84 -1.79
C ARG A 137 -16.42 9.88 -0.77
N PHE A 138 -15.18 10.32 -0.92
CA PHE A 138 -14.62 11.34 -0.03
C PHE A 138 -14.73 12.67 -0.73
N SER A 139 -14.80 13.74 0.06
CA SER A 139 -14.86 15.09 -0.47
C SER A 139 -13.46 15.38 -1.00
N GLU A 140 -13.31 16.42 -1.80
CA GLU A 140 -11.99 16.73 -2.32
C GLU A 140 -10.99 17.08 -1.22
N PRO A 141 -11.43 17.84 -0.20
CA PRO A 141 -10.47 18.17 0.87
C PRO A 141 -10.04 16.91 1.61
N HIS A 142 -10.98 15.97 1.77
CA HIS A 142 -10.73 14.70 2.45
C HIS A 142 -9.76 13.86 1.63
N ALA A 143 -10.03 13.72 0.34
CA ALA A 143 -9.17 12.97 -0.57
C ALA A 143 -7.78 13.59 -0.65
N ARG A 144 -7.76 14.93 -0.71
CA ARG A 144 -6.52 15.69 -0.78
C ARG A 144 -5.63 15.42 0.43
N PHE A 145 -6.24 15.32 1.60
CA PHE A 145 -5.53 15.04 2.85
C PHE A 145 -4.77 13.72 2.76
N TYR A 146 -5.46 12.67 2.31
CA TYR A 146 -4.86 11.36 2.16
C TYR A 146 -3.82 11.34 1.03
N ALA A 147 -4.17 11.95 -0.09
CA ALA A 147 -3.29 12.00 -1.25
C ALA A 147 -1.95 12.67 -0.94
N ALA A 148 -1.99 13.72 -0.13
CA ALA A 148 -0.79 14.44 0.27
C ALA A 148 0.18 13.51 0.97
N GLN A 149 -0.36 12.66 1.84
CA GLN A 149 0.43 11.70 2.58
C GLN A 149 1.07 10.68 1.66
N ILE A 150 0.35 10.28 0.62
CA ILE A 150 0.87 9.33 -0.35
C ILE A 150 1.99 9.99 -1.16
N VAL A 151 1.78 11.25 -1.54
CA VAL A 151 2.77 12.00 -2.31
C VAL A 151 4.10 12.06 -1.55
N LEU A 152 4.05 12.42 -0.27
CA LEU A 152 5.25 12.50 0.55
C LEU A 152 5.90 11.13 0.73
N THR A 153 5.06 10.10 0.90
CA THR A 153 5.56 8.75 1.08
C THR A 153 6.29 8.24 -0.16
N PHE A 154 5.71 8.51 -1.34
CA PHE A 154 6.34 8.08 -2.58
C PHE A 154 7.62 8.88 -2.82
N GLU A 155 7.61 10.15 -2.44
CA GLU A 155 8.80 10.98 -2.58
C GLU A 155 9.90 10.31 -1.74
N TYR A 156 9.56 9.94 -0.52
CA TYR A 156 10.48 9.26 0.40
C TYR A 156 10.98 7.94 -0.19
N LEU A 157 10.04 7.06 -0.53
CA LEU A 157 10.36 5.74 -1.10
C LEU A 157 11.21 5.81 -2.37
N HIS A 158 10.81 6.66 -3.33
CA HIS A 158 11.54 6.78 -4.59
C HIS A 158 12.97 7.31 -4.43
N SER A 159 13.18 8.22 -3.48
CA SER A 159 14.51 8.77 -3.22
C SER A 159 15.45 7.66 -2.77
N LEU A 160 14.86 6.61 -2.19
CA LEU A 160 15.58 5.44 -1.70
C LEU A 160 15.71 4.37 -2.78
N ASP A 161 15.32 4.73 -4.00
CA ASP A 161 15.34 3.82 -5.15
C ASP A 161 14.33 2.68 -4.99
N LEU A 162 13.30 2.93 -4.21
CA LEU A 162 12.25 1.94 -3.95
C LEU A 162 11.01 2.21 -4.79
N ILE A 163 10.47 1.16 -5.40
CA ILE A 163 9.23 1.28 -6.17
C ILE A 163 8.24 0.52 -5.31
N TYR A 164 7.07 1.10 -5.06
CA TYR A 164 6.07 0.48 -4.19
C TYR A 164 5.20 -0.57 -4.89
N ARG A 165 4.61 -0.18 -6.01
CA ARG A 165 3.82 -1.07 -6.86
C ARG A 165 2.51 -1.69 -6.36
N ASP A 166 1.99 -1.29 -5.20
CA ASP A 166 0.70 -1.87 -4.80
C ASP A 166 -0.23 -0.91 -4.08
N LEU A 167 -0.31 0.32 -4.58
CA LEU A 167 -1.17 1.32 -3.99
C LEU A 167 -2.64 1.00 -4.28
N LYS A 168 -3.46 1.03 -3.24
CA LYS A 168 -4.90 0.79 -3.34
C LYS A 168 -5.47 1.00 -1.95
N PRO A 169 -6.76 1.37 -1.85
CA PRO A 169 -7.42 1.60 -0.55
C PRO A 169 -7.30 0.43 0.42
N GLU A 170 -7.25 -0.78 -0.11
CA GLU A 170 -7.14 -1.99 0.69
C GLU A 170 -5.84 -2.05 1.48
N ASN A 171 -4.81 -1.37 0.98
CA ASN A 171 -3.49 -1.35 1.63
C ASN A 171 -3.22 -0.12 2.48
N LEU A 172 -4.18 0.78 2.57
CA LEU A 172 -4.00 2.00 3.35
C LEU A 172 -4.88 1.98 4.59
N LEU A 173 -4.24 1.93 5.76
CA LEU A 173 -4.95 1.90 7.03
C LEU A 173 -5.04 3.28 7.67
N ILE A 174 -6.12 3.51 8.40
CA ILE A 174 -6.35 4.79 9.07
C ILE A 174 -6.00 4.64 10.54
N ASP A 175 -5.09 5.48 11.05
CA ASP A 175 -4.71 5.39 12.45
C ASP A 175 -5.63 6.21 13.36
N GLN A 176 -5.33 6.22 14.66
CA GLN A 176 -6.13 6.95 15.63
C GLN A 176 -6.21 8.45 15.42
N GLN A 177 -5.22 9.01 14.74
CA GLN A 177 -5.19 10.45 14.45
C GLN A 177 -5.78 10.76 13.07
N GLY A 178 -6.33 9.73 12.41
CA GLY A 178 -6.92 9.93 11.10
C GLY A 178 -5.92 9.94 9.96
N TYR A 179 -4.66 9.66 10.27
CA TYR A 179 -3.62 9.64 9.25
C TYR A 179 -3.47 8.25 8.64
N ILE A 180 -2.88 8.19 7.46
CA ILE A 180 -2.68 6.94 6.73
C ILE A 180 -1.42 6.18 7.12
N GLN A 181 -1.51 4.86 7.02
CA GLN A 181 -0.41 3.97 7.29
C GLN A 181 -0.34 3.04 6.08
N VAL A 182 0.74 3.15 5.30
CA VAL A 182 0.90 2.30 4.14
C VAL A 182 1.37 0.93 4.61
N THR A 183 0.59 -0.07 4.23
CA THR A 183 0.92 -1.44 4.59
C THR A 183 1.14 -2.22 3.29
N ASP A 184 1.64 -3.44 3.43
CA ASP A 184 1.90 -4.32 2.30
C ASP A 184 2.99 -3.88 1.35
N PHE A 185 4.18 -4.38 1.62
CA PHE A 185 5.34 -4.11 0.81
C PHE A 185 5.70 -5.34 -0.01
N GLY A 186 4.71 -6.20 -0.24
CA GLY A 186 4.94 -7.43 -0.99
C GLY A 186 5.48 -7.26 -2.41
N PHE A 187 5.21 -6.13 -3.04
CA PHE A 187 5.71 -5.88 -4.39
C PHE A 187 6.77 -4.79 -4.43
N ALA A 188 7.14 -4.27 -3.27
CA ALA A 188 8.15 -3.23 -3.20
C ALA A 188 9.50 -3.79 -3.62
N LYS A 189 10.26 -2.99 -4.37
CA LYS A 189 11.55 -3.44 -4.86
C LYS A 189 12.53 -2.29 -4.94
N ARG A 190 13.79 -2.55 -4.60
CA ARG A 190 14.82 -1.50 -4.71
C ARG A 190 15.45 -1.71 -6.08
N VAL A 191 15.21 -0.75 -6.96
CA VAL A 191 15.69 -0.82 -8.34
C VAL A 191 16.21 0.53 -8.79
N LYS A 192 17.38 0.53 -9.44
CA LYS A 192 17.92 1.78 -9.95
C LYS A 192 17.57 1.95 -11.43
N GLY A 193 17.45 0.84 -12.14
CA GLY A 193 17.10 0.91 -13.54
C GLY A 193 15.62 0.63 -13.74
N ARG A 194 15.28 -0.01 -14.85
CA ARG A 194 13.89 -0.34 -15.13
C ARG A 194 13.62 -1.77 -14.65
N THR A 195 12.34 -2.09 -14.45
CA THR A 195 11.99 -3.44 -14.01
C THR A 195 10.86 -3.98 -14.89
N TRP A 196 10.62 -5.30 -14.86
CA TRP A 196 9.62 -5.89 -15.75
C TRP A 196 8.53 -6.77 -15.16
N TPO A 197 8.54 -7.00 -13.86
CA TPO A 197 7.55 -7.89 -13.27
CB TPO A 197 7.81 -8.17 -11.77
CG2 TPO A 197 6.89 -9.29 -11.28
OG1 TPO A 197 9.17 -8.61 -11.60
P TPO A 197 10.08 -7.79 -10.80
O1P TPO A 197 11.44 -8.30 -10.94
O2P TPO A 197 10.03 -6.42 -11.26
O3P TPO A 197 9.69 -7.85 -9.40
C TPO A 197 6.11 -7.41 -13.41
O TPO A 197 5.78 -6.27 -13.11
N LEU A 198 5.26 -8.30 -13.93
CA LEU A 198 3.85 -7.98 -14.06
C LEU A 198 3.30 -8.22 -12.66
N CYS A 199 2.99 -7.14 -11.93
CA CYS A 199 2.45 -7.27 -10.59
C CYS A 199 1.68 -6.02 -10.21
N GLY A 200 0.79 -6.18 -9.24
CA GLY A 200 -0.03 -5.08 -8.75
C GLY A 200 -1.49 -5.50 -8.75
N THR A 201 -2.39 -4.54 -8.84
CA THR A 201 -3.83 -4.83 -8.86
C THR A 201 -4.38 -4.25 -10.16
N PRO A 202 -5.19 -5.03 -10.89
CA PRO A 202 -5.80 -4.64 -12.17
C PRO A 202 -6.18 -3.16 -12.34
N GLU A 203 -7.07 -2.67 -11.50
CA GLU A 203 -7.54 -1.27 -11.57
C GLU A 203 -6.43 -0.22 -11.42
N TYR A 204 -5.34 -0.61 -10.74
CA TYR A 204 -4.24 0.32 -10.48
C TYR A 204 -2.99 0.19 -11.35
N LEU A 205 -2.99 -0.77 -12.27
CA LEU A 205 -1.85 -0.99 -13.16
C LEU A 205 -1.67 0.08 -14.23
N ALA A 206 -0.46 0.62 -14.34
CA ALA A 206 -0.17 1.62 -15.37
C ALA A 206 -0.10 0.88 -16.72
N PRO A 207 -0.33 1.60 -17.83
CA PRO A 207 -0.30 1.02 -19.18
C PRO A 207 1.01 0.29 -19.51
N GLU A 208 2.14 0.85 -19.08
CA GLU A 208 3.47 0.26 -19.33
C GLU A 208 3.55 -1.16 -18.79
N ILE A 209 2.96 -1.37 -17.62
CA ILE A 209 2.96 -2.68 -16.98
C ILE A 209 2.12 -3.67 -17.79
N ILE A 210 0.92 -3.25 -18.17
CA ILE A 210 0.01 -4.08 -18.95
C ILE A 210 0.59 -4.43 -20.32
N LEU A 211 1.29 -3.47 -20.92
CA LEU A 211 1.90 -3.66 -22.24
C LEU A 211 3.24 -4.40 -22.24
N SER A 212 3.55 -5.04 -21.11
CA SER A 212 4.76 -5.84 -20.94
C SER A 212 6.08 -5.18 -21.32
N LYS A 213 6.26 -3.93 -20.97
CA LYS A 213 7.51 -3.27 -21.25
C LYS A 213 8.18 -2.86 -19.95
N GLY A 214 9.44 -2.49 -20.03
CA GLY A 214 10.15 -2.06 -18.84
C GLY A 214 9.47 -0.82 -18.30
N TYR A 215 9.43 -0.69 -16.98
CA TYR A 215 8.81 0.47 -16.36
C TYR A 215 9.62 0.89 -15.15
N ASN A 216 9.26 2.04 -14.58
CA ASN A 216 9.95 2.56 -13.41
C ASN A 216 8.97 3.15 -12.39
N LYS A 217 9.49 4.02 -11.53
CA LYS A 217 8.72 4.67 -10.45
C LYS A 217 7.47 5.41 -10.94
N ALA A 218 7.43 5.73 -12.24
CA ALA A 218 6.31 6.45 -12.81
C ALA A 218 4.99 5.69 -12.64
N VAL A 219 5.08 4.36 -12.50
CA VAL A 219 3.89 3.54 -12.31
C VAL A 219 3.21 3.86 -10.98
N ASP A 220 4.01 4.26 -9.99
CA ASP A 220 3.49 4.62 -8.68
C ASP A 220 2.66 5.90 -8.78
N TRP A 221 3.13 6.84 -9.61
CA TRP A 221 2.42 8.11 -9.80
C TRP A 221 1.11 7.91 -10.56
N TRP A 222 1.09 6.96 -11.49
CA TRP A 222 -0.13 6.65 -12.24
C TRP A 222 -1.11 6.08 -11.21
N ALA A 223 -0.61 5.20 -10.35
CA ALA A 223 -1.40 4.56 -9.30
C ALA A 223 -2.00 5.62 -8.38
N LEU A 224 -1.23 6.68 -8.10
CA LEU A 224 -1.73 7.78 -7.27
C LEU A 224 -2.95 8.41 -7.94
N GLY A 225 -2.89 8.56 -9.27
CA GLY A 225 -4.00 9.13 -10.01
C GLY A 225 -5.25 8.29 -9.84
N VAL A 226 -5.06 6.96 -9.90
CA VAL A 226 -6.18 6.03 -9.76
C VAL A 226 -6.76 6.16 -8.35
N LEU A 227 -5.90 6.26 -7.34
CA LEU A 227 -6.32 6.39 -5.96
C LEU A 227 -7.12 7.66 -5.71
N ILE A 228 -6.60 8.80 -6.17
CA ILE A 228 -7.27 10.07 -5.97
C ILE A 228 -8.63 10.05 -6.66
N TYR A 229 -8.67 9.52 -7.87
CA TYR A 229 -9.91 9.42 -8.62
C TYR A 229 -10.91 8.57 -7.83
N GLU A 230 -10.48 7.39 -7.38
CA GLU A 230 -11.39 6.51 -6.64
C GLU A 230 -11.88 7.12 -5.33
N MET A 231 -11.01 7.82 -4.60
CA MET A 231 -11.42 8.44 -3.34
C MET A 231 -12.45 9.54 -3.57
N ALA A 232 -12.22 10.36 -4.61
CA ALA A 232 -13.12 11.47 -4.92
C ALA A 232 -14.40 11.08 -5.66
N ALA A 233 -14.35 10.02 -6.46
CA ALA A 233 -15.52 9.55 -7.21
C ALA A 233 -16.29 8.43 -6.50
N GLY A 234 -15.58 7.59 -5.75
CA GLY A 234 -16.24 6.49 -5.07
C GLY A 234 -16.08 5.20 -5.87
N TYR A 235 -15.54 5.33 -7.07
CA TYR A 235 -15.27 4.20 -7.96
C TYR A 235 -14.02 4.53 -8.78
N PRO A 236 -13.28 3.50 -9.23
CA PRO A 236 -12.05 3.65 -10.02
C PRO A 236 -12.34 4.19 -11.42
N PRO A 237 -11.33 4.84 -12.05
CA PRO A 237 -11.47 5.39 -13.40
C PRO A 237 -11.62 4.30 -14.46
N PHE A 238 -11.13 3.10 -14.14
CA PHE A 238 -11.21 1.96 -15.06
C PHE A 238 -11.69 0.73 -14.30
N PHE A 239 -12.90 0.28 -14.60
CA PHE A 239 -13.43 -0.92 -13.97
C PHE A 239 -14.33 -1.71 -14.93
N ALA A 240 -14.43 -3.00 -14.65
CA ALA A 240 -15.24 -3.94 -15.44
C ALA A 240 -15.28 -5.21 -14.61
N ASP A 241 -16.06 -6.20 -15.04
CA ASP A 241 -16.15 -7.45 -14.29
C ASP A 241 -14.95 -8.37 -14.45
N GLN A 242 -14.26 -8.26 -15.59
CA GLN A 242 -13.08 -9.09 -15.84
C GLN A 242 -11.85 -8.21 -16.10
N PRO A 243 -10.69 -8.60 -15.54
CA PRO A 243 -9.42 -7.87 -15.68
C PRO A 243 -9.04 -7.49 -17.11
N ILE A 244 -9.24 -8.40 -18.07
CA ILE A 244 -8.91 -8.10 -19.46
C ILE A 244 -9.64 -6.86 -19.95
N GLN A 245 -10.89 -6.71 -19.56
CA GLN A 245 -11.69 -5.56 -19.94
C GLN A 245 -11.15 -4.29 -19.26
N ILE A 246 -10.64 -4.45 -18.05
CA ILE A 246 -10.06 -3.33 -17.31
C ILE A 246 -8.78 -2.88 -18.01
N TYR A 247 -7.99 -3.86 -18.45
CA TYR A 247 -6.73 -3.58 -19.15
C TYR A 247 -6.98 -2.81 -20.45
N GLU A 248 -8.06 -3.16 -21.15
CA GLU A 248 -8.41 -2.48 -22.40
C GLU A 248 -8.72 -1.01 -22.16
N LYS A 249 -9.39 -0.72 -21.05
CA LYS A 249 -9.75 0.65 -20.69
C LYS A 249 -8.54 1.48 -20.31
N ILE A 250 -7.65 0.90 -19.51
CA ILE A 250 -6.42 1.57 -19.06
C ILE A 250 -5.51 2.03 -20.20
N VAL A 251 -5.27 1.14 -21.15
CA VAL A 251 -4.40 1.45 -22.29
C VAL A 251 -5.06 2.29 -23.37
N SER A 252 -6.39 2.43 -23.31
CA SER A 252 -7.15 3.19 -24.31
C SER A 252 -6.81 4.68 -24.31
N GLY A 253 -6.41 5.20 -23.16
CA GLY A 253 -6.07 6.60 -23.05
C GLY A 253 -7.29 7.50 -22.82
N LYS A 254 -8.41 6.89 -22.47
CA LYS A 254 -9.65 7.61 -22.22
C LYS A 254 -10.03 7.55 -20.75
N VAL A 255 -10.39 8.70 -20.18
CA VAL A 255 -10.81 8.80 -18.78
C VAL A 255 -11.96 9.80 -18.68
N ARG A 256 -13.05 9.37 -18.05
CA ARG A 256 -14.22 10.23 -17.86
C ARG A 256 -14.27 10.63 -16.39
N PHE A 257 -14.56 11.91 -16.13
CA PHE A 257 -14.63 12.41 -14.77
C PHE A 257 -16.06 12.79 -14.36
N PRO A 258 -16.42 12.55 -13.09
CA PRO A 258 -17.76 12.88 -12.59
C PRO A 258 -17.94 14.41 -12.68
N SER A 259 -19.18 14.86 -12.85
CA SER A 259 -19.47 16.28 -12.97
C SER A 259 -19.07 17.10 -11.74
N HIS A 260 -19.05 16.47 -10.58
CA HIS A 260 -18.69 17.15 -9.34
C HIS A 260 -17.18 17.37 -9.15
N PHE A 261 -16.36 16.79 -10.01
CA PHE A 261 -14.91 16.97 -9.90
C PHE A 261 -14.55 18.40 -10.27
N SER A 262 -13.76 19.06 -9.42
CA SER A 262 -13.33 20.43 -9.68
C SER A 262 -12.43 20.42 -10.91
N SER A 263 -12.27 21.58 -11.55
CA SER A 263 -11.42 21.67 -12.73
C SER A 263 -9.96 21.37 -12.39
N ASP A 264 -9.54 21.78 -11.19
CA ASP A 264 -8.17 21.54 -10.72
C ASP A 264 -7.93 20.05 -10.52
N LEU A 265 -8.92 19.35 -9.96
CA LEU A 265 -8.80 17.91 -9.74
C LEU A 265 -8.68 17.19 -11.08
N LYS A 266 -9.54 17.56 -12.03
CA LYS A 266 -9.52 16.95 -13.36
C LYS A 266 -8.18 17.14 -14.03
N ASP A 267 -7.61 18.36 -13.92
CA ASP A 267 -6.32 18.66 -14.53
C ASP A 267 -5.19 17.84 -13.92
N LEU A 268 -5.21 17.69 -12.59
CA LEU A 268 -4.21 16.91 -11.88
C LEU A 268 -4.30 15.46 -12.38
N LEU A 269 -5.52 14.93 -12.40
CA LEU A 269 -5.76 13.57 -12.83
C LEU A 269 -5.36 13.31 -14.28
N ARG A 270 -5.59 14.26 -15.17
CA ARG A 270 -5.20 14.09 -16.56
C ARG A 270 -3.69 13.97 -16.73
N ASN A 271 -2.95 14.65 -15.84
CA ASN A 271 -1.49 14.61 -15.87
C ASN A 271 -0.95 13.37 -15.15
N LEU A 272 -1.71 12.88 -14.18
CA LEU A 272 -1.33 11.69 -13.41
C LEU A 272 -1.65 10.46 -14.24
N LEU A 273 -2.86 10.42 -14.78
CA LEU A 273 -3.32 9.30 -15.59
C LEU A 273 -2.93 9.54 -17.05
N GLN A 274 -1.67 9.89 -17.26
CA GLN A 274 -1.11 10.16 -18.57
C GLN A 274 -0.42 8.90 -19.09
N VAL A 275 -0.92 8.38 -20.21
CA VAL A 275 -0.34 7.19 -20.81
C VAL A 275 1.08 7.47 -21.34
N ASP A 276 1.34 8.73 -21.72
CA ASP A 276 2.64 9.12 -22.23
C ASP A 276 3.60 9.45 -21.08
N LEU A 277 4.56 8.57 -20.85
CA LEU A 277 5.56 8.73 -19.78
C LEU A 277 6.34 10.05 -19.79
N THR A 278 6.61 10.58 -20.97
CA THR A 278 7.35 11.84 -21.08
C THR A 278 6.49 13.04 -20.71
N LYS A 279 5.25 12.78 -20.32
CA LYS A 279 4.33 13.84 -19.95
C LYS A 279 3.60 13.58 -18.62
N ARG A 280 3.80 12.40 -18.05
CA ARG A 280 3.15 12.07 -16.78
C ARG A 280 3.77 12.81 -15.60
N PHE A 281 2.92 13.44 -14.79
CA PHE A 281 3.38 14.16 -13.62
C PHE A 281 4.08 13.20 -12.66
N GLY A 282 5.18 13.67 -12.10
CA GLY A 282 5.97 12.87 -11.20
C GLY A 282 7.17 12.32 -11.97
N ASN A 283 7.02 12.17 -13.28
CA ASN A 283 8.09 11.64 -14.13
C ASN A 283 8.80 12.68 -15.00
N LEU A 284 8.44 13.95 -14.84
CA LEU A 284 9.07 15.01 -15.62
C LEU A 284 10.36 15.45 -14.93
N LYS A 285 11.09 16.37 -15.54
CA LYS A 285 12.35 16.85 -14.97
C LYS A 285 12.22 17.45 -13.57
N ASP A 286 11.05 17.98 -13.25
CA ASP A 286 10.82 18.57 -11.94
C ASP A 286 10.32 17.53 -10.92
N GLY A 287 10.19 16.28 -11.36
CA GLY A 287 9.76 15.21 -10.49
C GLY A 287 8.46 15.43 -9.73
N VAL A 288 8.51 15.13 -8.43
CA VAL A 288 7.36 15.26 -7.55
C VAL A 288 6.87 16.71 -7.40
N ASN A 289 7.76 17.67 -7.61
CA ASN A 289 7.40 19.08 -7.48
C ASN A 289 6.25 19.50 -8.39
N ASP A 290 6.13 18.86 -9.55
CA ASP A 290 5.06 19.16 -10.49
C ASP A 290 3.72 18.77 -9.87
N ILE A 291 3.76 17.81 -8.95
CA ILE A 291 2.56 17.36 -8.26
C ILE A 291 2.31 18.25 -7.05
N LYS A 292 3.35 18.44 -6.23
CA LYS A 292 3.26 19.28 -5.04
C LYS A 292 2.81 20.70 -5.34
N ASN A 293 3.29 21.27 -6.44
CA ASN A 293 2.97 22.64 -6.84
C ASN A 293 1.72 22.77 -7.71
N HIS A 294 1.01 21.67 -7.91
CA HIS A 294 -0.21 21.73 -8.72
C HIS A 294 -1.31 22.47 -7.96
N LYS A 295 -2.16 23.17 -8.72
CA LYS A 295 -3.26 23.96 -8.17
C LYS A 295 -4.15 23.20 -7.18
N TRP A 296 -4.46 21.95 -7.48
CA TRP A 296 -5.31 21.15 -6.59
C TRP A 296 -4.71 21.04 -5.19
N PHE A 297 -3.38 21.10 -5.10
CA PHE A 297 -2.70 21.02 -3.81
C PHE A 297 -2.32 22.38 -3.21
N ALA A 298 -2.91 23.45 -3.75
CA ALA A 298 -2.61 24.81 -3.29
C ALA A 298 -2.78 25.03 -1.78
N THR A 299 -3.85 24.48 -1.22
CA THR A 299 -4.13 24.64 0.21
C THR A 299 -3.37 23.66 1.09
N THR A 300 -2.63 22.75 0.47
CA THR A 300 -1.87 21.75 1.21
C THR A 300 -0.54 22.25 1.75
N ASP A 301 -0.38 22.18 3.06
CA ASP A 301 0.86 22.57 3.71
C ASP A 301 1.63 21.27 3.92
N TRP A 302 2.55 20.99 3.01
CA TRP A 302 3.34 19.77 3.03
C TRP A 302 4.13 19.50 4.32
N ILE A 303 4.66 20.55 4.92
CA ILE A 303 5.42 20.41 6.16
C ILE A 303 4.48 19.98 7.29
N ALA A 304 3.32 20.63 7.35
CA ALA A 304 2.33 20.33 8.39
C ALA A 304 1.79 18.90 8.26
N ILE A 305 1.63 18.42 7.03
CA ILE A 305 1.15 17.06 6.79
C ILE A 305 2.17 16.08 7.35
N TYR A 306 3.44 16.29 7.02
CA TYR A 306 4.53 15.44 7.48
C TYR A 306 4.62 15.42 9.01
N GLN A 307 4.36 16.56 9.64
CA GLN A 307 4.43 16.68 11.09
C GLN A 307 3.16 16.23 11.80
N ARG A 308 2.15 15.84 11.01
CA ARG A 308 0.86 15.38 11.54
C ARG A 308 0.09 16.46 12.32
N LYS A 309 0.35 17.73 12.03
CA LYS A 309 -0.36 18.78 12.75
C LYS A 309 -1.63 19.26 12.07
N VAL A 310 -1.89 18.77 10.86
CA VAL A 310 -3.09 19.14 10.12
C VAL A 310 -4.25 18.31 10.68
N GLU A 311 -5.39 18.95 10.94
CA GLU A 311 -6.54 18.23 11.48
C GLU A 311 -7.13 17.26 10.46
N ALA A 312 -7.33 16.01 10.87
CA ALA A 312 -7.89 15.00 9.99
C ALA A 312 -9.40 15.19 9.83
N PRO A 313 -9.92 14.94 8.61
CA PRO A 313 -11.34 15.09 8.32
C PRO A 313 -12.18 13.97 8.91
N PHE A 314 -11.50 12.88 9.31
CA PHE A 314 -12.18 11.72 9.86
C PHE A 314 -11.33 11.00 10.91
N ILE A 315 -11.90 10.82 12.09
CA ILE A 315 -11.22 10.12 13.18
C ILE A 315 -12.10 8.91 13.52
N PRO A 316 -11.57 7.69 13.32
CA PRO A 316 -12.27 6.43 13.59
C PRO A 316 -12.71 6.26 15.03
N LYS A 317 -13.81 5.53 15.23
CA LYS A 317 -14.32 5.28 16.57
C LYS A 317 -13.65 4.05 17.18
N PHE A 318 -13.31 4.13 18.46
CA PHE A 318 -12.66 3.04 19.18
C PHE A 318 -13.31 2.75 20.53
N LYS A 319 -13.32 1.48 20.90
CA LYS A 319 -13.88 1.05 22.18
C LYS A 319 -12.76 0.73 23.16
N GLY A 320 -11.52 0.93 22.72
CA GLY A 320 -10.38 0.66 23.56
C GLY A 320 -9.27 -0.07 22.83
N PRO A 321 -8.19 -0.47 23.54
CA PRO A 321 -7.06 -1.17 22.93
C PRO A 321 -7.45 -2.59 22.53
N GLY A 322 -7.01 -3.02 21.35
CA GLY A 322 -7.34 -4.36 20.89
C GLY A 322 -8.71 -4.47 20.23
N ASP A 323 -9.41 -3.35 20.11
CA ASP A 323 -10.73 -3.32 19.47
C ASP A 323 -10.56 -3.57 17.96
N THR A 324 -11.47 -4.34 17.38
CA THR A 324 -11.40 -4.68 15.96
C THR A 324 -12.66 -4.35 15.17
N SER A 325 -13.54 -3.54 15.77
CA SER A 325 -14.81 -3.16 15.13
C SER A 325 -14.68 -2.50 13.76
N ASN A 326 -13.51 -1.92 13.47
CA ASN A 326 -13.28 -1.27 12.19
C ASN A 326 -12.80 -2.23 11.10
N PHE A 327 -12.78 -3.52 11.40
CA PHE A 327 -12.34 -4.55 10.46
C PHE A 327 -13.42 -5.60 10.25
N ASP A 328 -13.41 -6.22 9.08
CA ASP A 328 -14.38 -7.26 8.75
C ASP A 328 -14.01 -8.56 9.48
N ASP A 329 -14.97 -9.46 9.58
CA ASP A 329 -14.75 -10.75 10.22
C ASP A 329 -14.28 -11.75 9.19
N TYR A 330 -13.22 -12.47 9.52
CA TYR A 330 -12.65 -13.48 8.64
C TYR A 330 -12.69 -14.83 9.33
N GLU A 331 -12.87 -15.88 8.54
CA GLU A 331 -12.90 -17.24 9.08
C GLU A 331 -11.54 -17.55 9.71
N GLU A 332 -11.56 -18.04 10.95
CA GLU A 332 -10.33 -18.37 11.65
C GLU A 332 -9.82 -19.76 11.27
N GLU A 333 -8.51 -19.92 11.31
CA GLU A 333 -7.88 -21.20 10.99
C GLU A 333 -6.67 -21.38 11.89
N GLU A 334 -6.50 -22.60 12.40
CA GLU A 334 -5.39 -22.92 13.29
C GLU A 334 -4.04 -22.78 12.59
N ILE A 335 -3.03 -22.34 13.36
CA ILE A 335 -1.69 -22.19 12.84
C ILE A 335 -0.89 -23.44 13.22
N ARG A 336 -0.66 -24.31 12.25
CA ARG A 336 0.09 -25.52 12.53
C ARG A 336 1.53 -25.38 12.04
N VAL A 337 2.46 -25.58 12.95
CA VAL A 337 3.88 -25.51 12.63
C VAL A 337 4.39 -26.92 12.46
N SEP A 338 4.80 -27.24 11.24
CA SEP A 338 5.30 -28.57 10.91
CB SEP A 338 5.68 -28.63 9.43
OG SEP A 338 6.21 -29.91 9.08
C SEP A 338 6.50 -28.99 11.76
O SEP A 338 7.24 -28.14 12.26
P SEP A 338 5.37 -31.09 8.80
O1P SEP A 338 6.18 -32.11 8.15
O2P SEP A 338 4.27 -30.71 7.94
O3P SEP A 338 4.84 -31.61 10.06
N ILE A 339 6.67 -30.29 11.92
CA ILE A 339 7.78 -30.85 12.70
C ILE A 339 9.07 -30.77 11.88
N ASN A 340 8.90 -30.62 10.57
CA ASN A 340 10.03 -30.54 9.64
C ASN A 340 10.18 -29.14 9.04
N GLU A 341 11.42 -28.73 8.80
CA GLU A 341 11.67 -27.43 8.21
C GLU A 341 11.32 -27.45 6.74
N LYS A 342 10.56 -26.44 6.33
CA LYS A 342 10.14 -26.32 4.95
C LYS A 342 10.85 -25.14 4.30
N CYS A 343 11.33 -25.35 3.08
CA CYS A 343 11.99 -24.31 2.30
C CYS A 343 13.03 -23.49 3.05
N GLY A 344 13.91 -24.17 3.78
CA GLY A 344 14.93 -23.47 4.55
C GLY A 344 15.89 -22.62 3.73
N LYS A 345 16.45 -23.19 2.67
CA LYS A 345 17.39 -22.47 1.82
C LYS A 345 16.78 -21.28 1.09
N GLU A 346 15.53 -21.40 0.66
CA GLU A 346 14.85 -20.32 -0.05
C GLU A 346 14.70 -19.06 0.80
N PHE A 347 14.46 -19.23 2.10
CA PHE A 347 14.26 -18.10 3.00
C PHE A 347 15.34 -17.90 4.06
N SER A 348 16.54 -18.41 3.80
CA SER A 348 17.64 -18.28 4.75
C SER A 348 17.92 -16.86 5.22
N GLU A 349 17.81 -15.88 4.32
CA GLU A 349 18.08 -14.50 4.70
C GLU A 349 16.94 -13.80 5.44
N PHE A 350 15.77 -14.43 5.48
CA PHE A 350 14.64 -13.84 6.19
C PHE A 350 14.91 -13.83 7.70
N THR B 1 -26.17 5.33 -14.09
CA THR B 1 -25.02 6.15 -13.61
C THR B 1 -23.82 5.23 -13.43
N THR B 2 -22.62 5.81 -13.51
CA THR B 2 -21.40 5.04 -13.35
C THR B 2 -21.37 4.41 -11.95
N TYR B 3 -21.85 5.15 -10.96
CA TYR B 3 -21.90 4.65 -9.59
C TYR B 3 -22.75 3.37 -9.56
N ALA B 4 -23.95 3.43 -10.16
CA ALA B 4 -24.84 2.26 -10.20
C ALA B 4 -24.15 1.09 -10.91
N ASP B 5 -23.43 1.39 -11.99
CA ASP B 5 -22.72 0.34 -12.73
C ASP B 5 -21.61 -0.29 -11.88
N PHE B 6 -20.93 0.53 -11.10
CA PHE B 6 -19.86 0.05 -10.25
C PHE B 6 -20.42 -0.86 -9.16
N ILE B 7 -21.44 -0.37 -8.45
CA ILE B 7 -22.05 -1.12 -7.36
C ILE B 7 -22.63 -2.46 -7.82
N ALA B 8 -23.06 -2.51 -9.08
CA ALA B 8 -23.61 -3.73 -9.66
C ALA B 8 -22.52 -4.64 -10.22
N SER B 9 -21.28 -4.15 -10.27
CA SER B 9 -20.16 -4.93 -10.79
C SER B 9 -19.65 -5.95 -9.76
N GLY B 10 -18.80 -6.87 -10.19
CA GLY B 10 -18.25 -7.86 -9.29
C GLY B 10 -16.91 -7.40 -8.73
N ARG B 11 -16.64 -6.10 -8.84
CA ARG B 11 -15.37 -5.55 -8.37
C ARG B 11 -15.45 -4.46 -7.30
N THR B 12 -16.43 -4.56 -6.40
CA THR B 12 -16.59 -3.58 -5.33
C THR B 12 -15.97 -4.09 -4.02
N GLY B 13 -15.68 -5.39 -3.99
CA GLY B 13 -15.07 -5.98 -2.81
C GLY B 13 -13.56 -5.84 -2.88
N ARG B 14 -12.85 -6.39 -1.90
CA ARG B 14 -11.40 -6.31 -1.89
C ARG B 14 -10.80 -6.94 -3.15
N ARG B 15 -9.94 -6.18 -3.80
CA ARG B 15 -9.31 -6.63 -5.03
C ARG B 15 -7.97 -7.30 -4.80
N ASN B 16 -7.86 -8.51 -5.34
CA ASN B 16 -6.65 -9.31 -5.23
C ASN B 16 -5.58 -8.81 -6.18
N ALA B 17 -4.33 -8.96 -5.75
CA ALA B 17 -3.20 -8.56 -6.58
C ALA B 17 -3.01 -9.65 -7.62
N ILE B 18 -2.31 -9.34 -8.70
CA ILE B 18 -2.04 -10.35 -9.73
C ILE B 18 -0.54 -10.64 -9.75
N HIS B 19 -0.20 -11.93 -9.71
CA HIS B 19 1.20 -12.37 -9.70
C HIS B 19 1.65 -12.83 -11.09
N ASP B 20 2.86 -13.38 -11.13
CA ASP B 20 3.48 -13.90 -12.35
C ASP B 20 3.32 -12.98 -13.56
C1 0RW C . -1.53 -5.29 7.51
C2 0RW C . -2.55 -4.92 8.41
C3 0RW C . -2.24 -4.16 9.51
C4 0RW C . -0.88 -3.76 9.73
C5 0RW C . 0.12 -4.12 8.86
C6 0RW C . -0.20 -4.89 7.74
C11 0RW C . -3.04 -3.64 10.62
N12 0RW C . -2.20 -2.98 11.40
N13 0RW C . -0.95 -3.03 10.91
C14 0RW C . -4.53 -3.77 10.88
#